data_7UOC
#
_entry.id   7UOC
#
_cell.length_a   97.448
_cell.length_b   97.448
_cell.length_c   147.668
_cell.angle_alpha   90.000
_cell.angle_beta   90.000
_cell.angle_gamma   90.000
#
_symmetry.space_group_name_H-M   'P 43 21 2'
#
loop_
_entity.id
_entity.type
_entity.pdbx_description
1 polymer KAI2d4
2 non-polymer 'CHLORIDE ION'
3 water water
#
_entity_poly.entity_id   1
_entity_poly.type   'polypeptide(L)'
_entity_poly.pdbx_seq_one_letter_code
;GPMNSKVGSAHNVRVLGSGGTTVVLGHGFGCEQSVWRHLVPHLVDEYRVLLYDVMGAGSTNPDYYDFVRYSTLEGHAHDL
LAILEEFTIGKCIFVGHSLSSMVGAMASIFRPDLFHKLVMISASPRVLNSPGYHGGLDQKDLDQFLVAMETNYKSFLSGM
APLVIGCDMDSPAFQEYSRTLFNMRPDISLSMARTINTYDMRPFLGHVTVPCHIIYSREDPIVPVKLAEYLHQNLGGKSI
VEGMSTYGHLPHLSAPEVTIPVLLRHIRQDIVDA
;
_entity_poly.pdbx_strand_id   A,B
#
# COMPACT_ATOMS: atom_id res chain seq x y z
N ASN A 4 -15.93 -18.63 3.49
CA ASN A 4 -14.99 -18.15 2.49
C ASN A 4 -13.62 -17.86 3.13
N SER A 5 -12.78 -17.13 2.41
CA SER A 5 -11.48 -16.74 2.91
C SER A 5 -11.63 -15.68 4.01
N LYS A 6 -10.52 -15.41 4.70
CA LYS A 6 -10.53 -14.34 5.70
C LYS A 6 -10.80 -12.99 5.03
N VAL A 7 -10.04 -12.66 3.99
CA VAL A 7 -10.27 -11.43 3.26
C VAL A 7 -11.59 -11.50 2.48
N GLY A 8 -11.97 -12.71 2.03
CA GLY A 8 -13.21 -12.84 1.30
C GLY A 8 -14.44 -12.61 2.17
N SER A 9 -14.45 -13.19 3.37
CA SER A 9 -15.59 -12.99 4.27
C SER A 9 -15.65 -11.56 4.76
N ALA A 10 -14.50 -10.95 5.05
CA ALA A 10 -14.48 -9.60 5.59
C ALA A 10 -15.08 -8.60 4.61
N HIS A 11 -14.94 -8.84 3.31
CA HIS A 11 -15.42 -7.92 2.30
C HIS A 11 -16.57 -8.48 1.48
N ASN A 12 -17.19 -9.59 1.92
CA ASN A 12 -18.32 -10.20 1.22
C ASN A 12 -17.99 -10.40 -0.26
N VAL A 13 -16.79 -10.90 -0.53
CA VAL A 13 -16.35 -11.08 -1.92
C VAL A 13 -17.27 -12.07 -2.61
N ARG A 14 -17.67 -11.73 -3.83
CA ARG A 14 -18.51 -12.58 -4.65
C ARG A 14 -17.91 -12.62 -6.04
N VAL A 15 -17.86 -13.81 -6.63
CA VAL A 15 -17.27 -14.02 -7.96
C VAL A 15 -18.32 -14.66 -8.86
N LEU A 16 -18.61 -14.00 -9.99
CA LEU A 16 -19.60 -14.47 -10.95
C LEU A 16 -19.02 -14.48 -12.36
N GLY A 17 -19.87 -14.59 -13.36
CA GLY A 17 -19.41 -14.42 -14.73
C GLY A 17 -18.61 -15.61 -15.25
N SER A 18 -17.98 -15.38 -16.40
CA SER A 18 -17.27 -16.43 -17.11
C SER A 18 -16.27 -15.81 -18.06
N GLY A 19 -15.23 -16.56 -18.39
CA GLY A 19 -14.18 -16.07 -19.25
C GLY A 19 -12.92 -15.73 -18.46
N GLY A 20 -11.81 -15.61 -19.19
CA GLY A 20 -10.49 -15.47 -18.61
C GLY A 20 -10.12 -14.10 -18.08
N THR A 21 -10.86 -13.04 -18.43
CA THR A 21 -10.58 -11.70 -17.95
C THR A 21 -11.56 -11.35 -16.84
N THR A 22 -11.04 -10.78 -15.75
CA THR A 22 -11.84 -10.47 -14.58
C THR A 22 -12.08 -8.97 -14.46
N VAL A 23 -13.35 -8.59 -14.32
CA VAL A 23 -13.75 -7.21 -14.08
C VAL A 23 -14.05 -7.07 -12.59
N VAL A 24 -13.36 -6.15 -11.92
CA VAL A 24 -13.49 -5.93 -10.49
C VAL A 24 -14.26 -4.63 -10.29
N LEU A 25 -15.31 -4.68 -9.47
CA LEU A 25 -16.20 -3.55 -9.26
C LEU A 25 -16.08 -3.07 -7.82
N GLY A 26 -15.64 -1.83 -7.65
CA GLY A 26 -15.53 -1.23 -6.33
C GLY A 26 -16.47 -0.04 -6.15
N HIS A 27 -17.31 -0.10 -5.12
CA HIS A 27 -18.35 0.90 -4.92
C HIS A 27 -17.82 2.11 -4.14
N GLY A 28 -18.60 3.18 -4.13
CA GLY A 28 -18.26 4.41 -3.45
C GLY A 28 -18.91 4.53 -2.08
N PHE A 29 -18.78 5.72 -1.49
CA PHE A 29 -19.24 5.98 -0.13
C PHE A 29 -20.75 5.75 -0.02
N GLY A 30 -21.15 5.13 1.09
CA GLY A 30 -22.56 4.90 1.36
C GLY A 30 -23.20 3.84 0.51
N CYS A 31 -22.43 3.11 -0.29
CA CYS A 31 -22.96 2.04 -1.14
C CYS A 31 -22.44 0.69 -0.65
N GLU A 32 -23.03 -0.35 -1.21
CA GLU A 32 -22.54 -1.72 -1.08
C GLU A 32 -22.46 -2.30 -2.49
N GLN A 33 -21.93 -3.52 -2.61
CA GLN A 33 -21.71 -4.09 -3.93
C GLN A 33 -23.01 -4.23 -4.72
N SER A 34 -24.16 -4.15 -4.06
CA SER A 34 -25.43 -4.23 -4.79
C SER A 34 -25.68 -3.00 -5.65
N VAL A 35 -24.87 -1.95 -5.52
CA VAL A 35 -24.98 -0.78 -6.37
C VAL A 35 -24.70 -1.10 -7.84
N TRP A 36 -24.07 -2.24 -8.11
CA TRP A 36 -23.71 -2.63 -9.47
C TRP A 36 -24.79 -3.49 -10.13
N ARG A 37 -26.03 -3.42 -9.62
CA ARG A 37 -27.10 -4.31 -10.06
C ARG A 37 -27.30 -4.29 -11.57
N HIS A 38 -27.17 -3.11 -12.18
CA HIS A 38 -27.47 -2.99 -13.60
C HIS A 38 -26.28 -3.32 -14.50
N LEU A 39 -25.06 -3.31 -13.97
CA LEU A 39 -23.90 -3.61 -14.80
C LEU A 39 -23.61 -5.10 -14.89
N VAL A 40 -23.72 -5.83 -13.75
CA VAL A 40 -23.26 -7.22 -13.70
C VAL A 40 -23.90 -8.10 -14.77
N PRO A 41 -25.22 -8.07 -15.00
CA PRO A 41 -25.79 -8.99 -16.00
C PRO A 41 -25.32 -8.74 -17.42
N HIS A 42 -24.81 -7.55 -17.72
CA HIS A 42 -24.22 -7.27 -19.02
C HIS A 42 -22.77 -7.76 -19.12
N LEU A 43 -22.17 -8.25 -18.04
CA LEU A 43 -20.80 -8.75 -18.09
C LEU A 43 -20.68 -10.26 -18.01
N VAL A 44 -21.62 -10.94 -17.33
CA VAL A 44 -21.35 -12.31 -16.87
C VAL A 44 -21.15 -13.29 -18.02
N ASP A 45 -21.73 -13.03 -19.19
CA ASP A 45 -21.55 -13.94 -20.33
C ASP A 45 -20.23 -13.73 -21.05
N GLU A 46 -19.46 -12.71 -20.69
CA GLU A 46 -18.17 -12.43 -21.32
C GLU A 46 -17.02 -12.24 -20.35
N TYR A 47 -17.27 -11.89 -19.10
CA TYR A 47 -16.22 -11.57 -18.15
C TYR A 47 -16.51 -12.22 -16.81
N ARG A 48 -15.46 -12.67 -16.13
CA ARG A 48 -15.58 -12.97 -14.72
C ARG A 48 -15.75 -11.66 -13.96
N VAL A 49 -16.64 -11.65 -12.97
CA VAL A 49 -16.95 -10.44 -12.22
C VAL A 49 -16.67 -10.68 -10.74
N LEU A 50 -15.86 -9.82 -10.14
CA LEU A 50 -15.58 -9.88 -8.71
C LEU A 50 -16.25 -8.68 -8.04
N LEU A 51 -17.13 -8.95 -7.09
CA LEU A 51 -17.76 -7.92 -6.28
C LEU A 51 -17.19 -7.97 -4.86
N TYR A 52 -17.11 -6.81 -4.23
CA TYR A 52 -16.64 -6.74 -2.85
C TYR A 52 -17.15 -5.45 -2.22
N ASP A 53 -17.10 -5.43 -0.89
CA ASP A 53 -17.51 -4.27 -0.10
C ASP A 53 -16.29 -3.60 0.51
N VAL A 54 -16.24 -2.28 0.39
CA VAL A 54 -15.20 -1.50 1.06
C VAL A 54 -15.37 -1.64 2.57
N MET A 55 -14.26 -1.80 3.28
CA MET A 55 -14.36 -1.93 4.73
C MET A 55 -14.90 -0.64 5.31
N GLY A 56 -15.89 -0.77 6.18
CA GLY A 56 -16.64 0.35 6.70
C GLY A 56 -18.05 0.42 6.19
N ALA A 57 -18.34 -0.22 5.06
CA ALA A 57 -19.73 -0.37 4.64
C ALA A 57 -20.53 -1.08 5.71
N GLY A 58 -21.82 -0.72 5.81
CA GLY A 58 -22.69 -1.31 6.81
C GLY A 58 -22.74 -2.83 6.78
N SER A 59 -22.45 -3.43 5.62
CA SER A 59 -22.47 -4.88 5.43
C SER A 59 -21.20 -5.56 5.93
N THR A 60 -20.23 -4.79 6.44
CA THR A 60 -18.99 -5.33 6.96
C THR A 60 -18.99 -5.22 8.49
N ASN A 61 -18.02 -5.91 9.10
CA ASN A 61 -17.96 -6.01 10.54
C ASN A 61 -17.32 -4.75 11.12
N PRO A 62 -17.99 -4.04 12.02
CA PRO A 62 -17.38 -2.82 12.59
C PRO A 62 -16.08 -3.09 13.33
N ASP A 63 -15.89 -4.28 13.89
CA ASP A 63 -14.65 -4.59 14.60
C ASP A 63 -13.44 -4.60 13.68
N TYR A 64 -13.64 -4.79 12.37
CA TYR A 64 -12.53 -4.79 11.43
C TYR A 64 -12.19 -3.40 10.92
N TYR A 65 -12.95 -2.37 11.32
CA TYR A 65 -12.70 -1.01 10.86
C TYR A 65 -11.92 -0.27 11.92
N ASP A 66 -10.63 -0.08 11.69
CA ASP A 66 -9.78 0.71 12.56
C ASP A 66 -9.66 2.12 11.99
N PHE A 67 -9.88 3.12 12.85
CA PHE A 67 -10.02 4.50 12.37
C PHE A 67 -8.72 5.07 11.84
N VAL A 68 -7.57 4.67 12.40
CA VAL A 68 -6.30 5.12 11.85
C VAL A 68 -5.98 4.35 10.56
N ARG A 69 -6.20 3.04 10.56
CA ARG A 69 -5.95 2.21 9.39
C ARG A 69 -6.66 2.78 8.16
N TYR A 70 -7.94 3.12 8.28
CA TYR A 70 -8.72 3.58 7.15
C TYR A 70 -8.84 5.10 7.09
N SER A 71 -7.88 5.81 7.66
CA SER A 71 -7.80 7.26 7.52
C SER A 71 -7.04 7.68 6.26
N THR A 72 -6.56 6.71 5.47
CA THR A 72 -5.82 6.99 4.24
C THR A 72 -6.37 6.13 3.12
N LEU A 73 -6.04 6.51 1.88
CA LEU A 73 -6.37 5.67 0.74
C LEU A 73 -5.55 4.39 0.73
N GLU A 74 -4.30 4.44 1.23
CA GLU A 74 -3.47 3.25 1.28
C GLU A 74 -4.14 2.15 2.10
N GLY A 75 -4.82 2.50 3.18
CA GLY A 75 -5.49 1.49 3.98
C GLY A 75 -6.49 0.69 3.19
N HIS A 76 -7.32 1.36 2.39
CA HIS A 76 -8.27 0.65 1.53
C HIS A 76 -7.59 -0.02 0.35
N ALA A 77 -6.53 0.59 -0.20
CA ALA A 77 -5.84 -0.03 -1.32
C ALA A 77 -5.20 -1.35 -0.92
N HIS A 78 -4.73 -1.44 0.33
CA HIS A 78 -4.21 -2.71 0.84
C HIS A 78 -5.27 -3.80 0.77
N ASP A 79 -6.50 -3.48 1.18
CA ASP A 79 -7.58 -4.46 1.10
C ASP A 79 -7.86 -4.87 -0.33
N LEU A 80 -7.90 -3.90 -1.24
CA LEU A 80 -8.10 -4.23 -2.66
C LEU A 80 -6.99 -5.14 -3.17
N LEU A 81 -5.74 -4.83 -2.84
CA LEU A 81 -4.62 -5.66 -3.29
C LEU A 81 -4.71 -7.07 -2.73
N ALA A 82 -5.09 -7.19 -1.45
CA ALA A 82 -5.33 -8.51 -0.87
C ALA A 82 -6.40 -9.27 -1.63
N ILE A 83 -7.46 -8.58 -2.04
CA ILE A 83 -8.54 -9.27 -2.75
C ILE A 83 -8.07 -9.72 -4.13
N LEU A 84 -7.31 -8.86 -4.83
CA LEU A 84 -6.84 -9.22 -6.17
C LEU A 84 -5.82 -10.35 -6.12
N GLU A 85 -4.89 -10.32 -5.16
CA GLU A 85 -3.91 -11.39 -5.05
C GLU A 85 -4.55 -12.73 -4.71
N GLU A 86 -5.70 -12.72 -4.05
CA GLU A 86 -6.34 -13.94 -3.59
C GLU A 86 -7.29 -14.53 -4.62
N PHE A 87 -8.00 -13.69 -5.38
CA PHE A 87 -9.07 -14.15 -6.26
C PHE A 87 -8.79 -13.89 -7.74
N THR A 88 -7.56 -13.51 -8.08
CA THR A 88 -7.18 -13.25 -9.45
CA THR A 88 -7.18 -13.28 -9.46
C THR A 88 -5.76 -13.76 -9.66
N ILE A 89 -5.43 -14.11 -10.90
CA ILE A 89 -4.06 -14.40 -11.29
C ILE A 89 -3.61 -13.57 -12.47
N GLY A 90 -4.52 -12.99 -13.25
CA GLY A 90 -4.17 -12.17 -14.37
C GLY A 90 -4.30 -10.69 -14.07
N LYS A 91 -4.41 -9.91 -15.14
CA LYS A 91 -4.54 -8.46 -15.04
C LYS A 91 -6.02 -8.11 -15.12
N CYS A 92 -6.54 -7.49 -14.06
CA CYS A 92 -7.97 -7.23 -13.98
C CYS A 92 -8.33 -5.91 -14.63
N ILE A 93 -9.61 -5.77 -14.95
CA ILE A 93 -10.20 -4.51 -15.38
C ILE A 93 -10.95 -3.97 -14.16
N PHE A 94 -10.44 -2.91 -13.56
CA PHE A 94 -10.99 -2.39 -12.31
C PHE A 94 -11.91 -1.22 -12.60
N VAL A 95 -13.16 -1.33 -12.16
CA VAL A 95 -14.15 -0.27 -12.27
C VAL A 95 -14.42 0.23 -10.86
N GLY A 96 -14.10 1.50 -10.60
CA GLY A 96 -14.27 2.07 -9.28
C GLY A 96 -15.06 3.36 -9.29
N HIS A 97 -16.06 3.46 -8.43
CA HIS A 97 -16.87 4.67 -8.34
C HIS A 97 -16.36 5.53 -7.18
N SER A 98 -16.05 6.78 -7.48
CA SER A 98 -15.72 7.79 -6.47
C SER A 98 -14.55 7.36 -5.59
N LEU A 99 -14.83 7.10 -4.30
CA LEU A 99 -13.77 6.66 -3.39
C LEU A 99 -12.95 5.52 -3.99
N SER A 100 -13.61 4.51 -4.54
CA SER A 100 -12.89 3.34 -5.01
C SER A 100 -12.09 3.62 -6.28
N SER A 101 -12.44 4.67 -7.03
CA SER A 101 -11.61 5.03 -8.18
C SER A 101 -10.24 5.49 -7.74
N MET A 102 -10.16 6.23 -6.63
CA MET A 102 -8.85 6.63 -6.12
C MET A 102 -8.17 5.49 -5.37
N VAL A 103 -8.94 4.65 -4.67
CA VAL A 103 -8.37 3.45 -4.06
C VAL A 103 -7.68 2.60 -5.12
N GLY A 104 -8.36 2.37 -6.25
CA GLY A 104 -7.75 1.58 -7.30
C GLY A 104 -6.54 2.24 -7.92
N ALA A 105 -6.61 3.55 -8.15
CA ALA A 105 -5.44 4.29 -8.62
C ALA A 105 -4.27 4.10 -7.67
N MET A 106 -4.50 4.29 -6.37
CA MET A 106 -3.44 4.10 -5.39
C MET A 106 -2.92 2.67 -5.40
N ALA A 107 -3.83 1.69 -5.46
CA ALA A 107 -3.42 0.29 -5.52
C ALA A 107 -2.57 0.02 -6.75
N SER A 108 -2.91 0.64 -7.89
CA SER A 108 -2.16 0.40 -9.11
C SER A 108 -0.76 0.98 -9.05
N ILE A 109 -0.47 1.88 -8.09
CA ILE A 109 0.89 2.36 -7.92
C ILE A 109 1.77 1.30 -7.28
N PHE A 110 1.23 0.60 -6.26
CA PHE A 110 2.00 -0.45 -5.61
C PHE A 110 2.17 -1.66 -6.53
N ARG A 111 1.11 -2.04 -7.24
CA ARG A 111 1.12 -3.24 -8.08
C ARG A 111 0.45 -2.92 -9.42
N PRO A 112 1.13 -2.18 -10.30
CA PRO A 112 0.55 -1.94 -11.64
C PRO A 112 0.37 -3.20 -12.44
N ASP A 113 1.15 -4.25 -12.15
CA ASP A 113 1.04 -5.51 -12.88
C ASP A 113 -0.31 -6.18 -12.72
N LEU A 114 -1.09 -5.83 -11.71
CA LEU A 114 -2.36 -6.49 -11.48
C LEU A 114 -3.53 -5.86 -12.24
N PHE A 115 -3.31 -4.73 -12.91
CA PHE A 115 -4.40 -3.99 -13.55
C PHE A 115 -4.17 -3.86 -15.05
N HIS A 116 -5.17 -4.28 -15.84
CA HIS A 116 -5.18 -3.94 -17.25
CA HIS A 116 -5.23 -3.94 -17.25
C HIS A 116 -5.46 -2.46 -17.45
N LYS A 117 -6.48 -1.94 -16.76
CA LYS A 117 -6.88 -0.55 -16.88
C LYS A 117 -7.76 -0.21 -15.68
N LEU A 118 -7.92 1.09 -15.45
CA LEU A 118 -8.83 1.60 -14.45
C LEU A 118 -9.95 2.33 -15.16
N VAL A 119 -11.20 1.99 -14.83
CA VAL A 119 -12.35 2.74 -15.28
C VAL A 119 -12.88 3.49 -14.06
N MET A 120 -12.78 4.82 -14.08
CA MET A 120 -13.15 5.65 -12.95
C MET A 120 -14.49 6.32 -13.21
N ILE A 121 -15.40 6.21 -12.24
CA ILE A 121 -16.70 6.88 -12.30
C ILE A 121 -16.73 7.91 -11.19
N SER A 122 -17.04 9.16 -11.55
CA SER A 122 -17.20 10.26 -10.59
C SER A 122 -15.93 10.44 -9.76
N ALA A 123 -14.77 10.35 -10.43
CA ALA A 123 -13.49 10.40 -9.74
C ALA A 123 -13.08 11.83 -9.44
N SER A 124 -12.44 12.02 -8.29
CA SER A 124 -11.88 13.27 -7.88
C SER A 124 -10.60 12.99 -7.10
N PRO A 125 -9.48 13.64 -7.43
CA PRO A 125 -8.26 13.46 -6.66
C PRO A 125 -8.23 14.25 -5.36
N ARG A 126 -9.17 15.20 -5.18
CA ARG A 126 -9.22 16.04 -4.00
C ARG A 126 -10.47 16.91 -4.01
N VAL A 127 -11.24 16.87 -2.93
CA VAL A 127 -12.48 17.62 -2.86
C VAL A 127 -12.26 19.07 -2.45
N LEU A 128 -11.29 19.33 -1.58
CA LEU A 128 -11.12 20.68 -1.04
C LEU A 128 -10.55 21.63 -2.08
N ASN A 129 -10.92 22.90 -1.98
CA ASN A 129 -10.33 23.93 -2.81
C ASN A 129 -8.99 24.36 -2.23
N SER A 130 -8.05 24.65 -3.11
CA SER A 130 -6.75 25.19 -2.75
C SER A 130 -6.40 26.27 -3.78
N PRO A 131 -5.44 27.17 -3.46
CA PRO A 131 -5.26 28.39 -4.26
C PRO A 131 -5.35 28.23 -5.77
N GLY A 132 -4.72 27.20 -6.34
CA GLY A 132 -4.79 26.98 -7.77
C GLY A 132 -5.62 25.81 -8.23
N TYR A 133 -6.43 25.21 -7.35
CA TYR A 133 -7.11 23.95 -7.65
C TYR A 133 -8.53 24.02 -7.12
N HIS A 134 -9.50 23.83 -8.00
CA HIS A 134 -10.92 23.91 -7.65
C HIS A 134 -11.46 22.50 -7.50
N GLY A 135 -11.35 21.94 -6.29
CA GLY A 135 -11.99 20.68 -5.99
C GLY A 135 -13.49 20.79 -5.85
N GLY A 136 -14.00 22.00 -5.58
CA GLY A 136 -15.43 22.25 -5.54
C GLY A 136 -15.98 22.52 -4.15
N LEU A 137 -15.19 22.32 -3.09
CA LEU A 137 -15.68 22.47 -1.73
C LEU A 137 -14.69 23.30 -0.93
N ASP A 138 -15.18 24.32 -0.23
CA ASP A 138 -14.36 25.13 0.65
C ASP A 138 -14.16 24.44 2.00
N GLN A 139 -13.07 24.80 2.67
CA GLN A 139 -12.75 24.19 3.97
C GLN A 139 -13.85 24.44 4.98
N LYS A 140 -14.42 25.65 5.00
CA LYS A 140 -15.46 25.97 5.97
C LYS A 140 -16.72 25.13 5.76
N ASP A 141 -17.03 24.78 4.51
CA ASP A 141 -18.18 23.90 4.27
C ASP A 141 -17.91 22.50 4.79
N LEU A 142 -16.73 21.95 4.51
CA LEU A 142 -16.39 20.62 5.00
C LEU A 142 -16.47 20.56 6.51
N ASP A 143 -15.87 21.55 7.19
CA ASP A 143 -15.92 21.59 8.65
C ASP A 143 -17.35 21.56 9.15
N GLN A 144 -18.25 22.34 8.53
CA GLN A 144 -19.61 22.36 9.02
C GLN A 144 -20.38 21.09 8.65
N PHE A 145 -20.07 20.49 7.50
CA PHE A 145 -20.66 19.19 7.17
C PHE A 145 -20.25 18.14 8.20
N LEU A 146 -18.98 18.11 8.57
CA LEU A 146 -18.49 17.11 9.50
C LEU A 146 -19.03 17.34 10.90
N VAL A 147 -19.21 18.60 11.31
CA VAL A 147 -19.84 18.89 12.59
C VAL A 147 -21.29 18.40 12.58
N ALA A 148 -22.05 18.80 11.55
CA ALA A 148 -23.44 18.35 11.45
C ALA A 148 -23.53 16.83 11.41
N MET A 149 -22.62 16.20 10.65
CA MET A 149 -22.59 14.75 10.58
C MET A 149 -22.33 14.10 11.92
N GLU A 150 -21.71 14.81 12.86
CA GLU A 150 -21.48 14.29 14.20
C GLU A 150 -22.55 14.74 15.19
N THR A 151 -23.08 15.96 15.03
CA THR A 151 -24.04 16.51 15.97
C THR A 151 -25.46 16.03 15.69
N ASN A 152 -25.91 16.03 14.41
CA ASN A 152 -27.22 15.50 14.04
C ASN A 152 -27.06 14.60 12.80
N TYR A 153 -26.61 13.36 13.03
CA TYR A 153 -26.13 12.50 11.96
C TYR A 153 -27.25 12.11 11.00
N LYS A 154 -28.38 11.65 11.54
CA LYS A 154 -29.47 11.22 10.67
C LYS A 154 -30.10 12.40 9.94
N SER A 155 -30.23 13.54 10.61
CA SER A 155 -30.75 14.73 9.94
C SER A 155 -29.83 15.16 8.81
N PHE A 156 -28.52 15.09 9.02
CA PHE A 156 -27.59 15.42 7.95
C PHE A 156 -27.72 14.46 6.78
N LEU A 157 -27.80 13.17 7.07
CA LEU A 157 -27.90 12.15 6.02
C LEU A 157 -29.21 12.29 5.23
N SER A 158 -30.31 12.57 5.92
CA SER A 158 -31.60 12.68 5.24
C SER A 158 -31.61 13.84 4.26
N GLY A 159 -30.89 14.91 4.57
CA GLY A 159 -30.83 16.02 3.65
C GLY A 159 -29.78 15.82 2.57
N MET A 160 -28.75 15.04 2.89
CA MET A 160 -27.65 14.87 1.93
C MET A 160 -28.00 13.86 0.85
N ALA A 161 -28.65 12.75 1.22
CA ALA A 161 -28.86 11.66 0.28
C ALA A 161 -29.63 12.06 -0.97
N PRO A 162 -30.81 12.69 -0.89
CA PRO A 162 -31.53 13.02 -2.14
C PRO A 162 -30.76 13.99 -3.03
N LEU A 163 -29.99 14.91 -2.45
CA LEU A 163 -29.25 15.84 -3.29
C LEU A 163 -28.08 15.15 -3.99
N VAL A 164 -27.42 14.22 -3.30
CA VAL A 164 -26.26 13.55 -3.91
C VAL A 164 -26.71 12.61 -5.02
N ILE A 165 -27.78 11.85 -4.79
CA ILE A 165 -28.20 10.96 -5.87
C ILE A 165 -29.04 11.73 -6.88
N GLY A 166 -29.66 12.83 -6.46
CA GLY A 166 -30.33 13.75 -7.36
C GLY A 166 -31.54 13.22 -8.09
N CYS A 167 -32.03 12.03 -7.73
CA CYS A 167 -33.18 11.47 -8.41
C CYS A 167 -34.40 11.49 -7.49
N ASP A 168 -35.52 11.04 -8.03
CA ASP A 168 -36.78 11.05 -7.30
C ASP A 168 -36.71 10.12 -6.09
N MET A 169 -37.29 10.58 -4.97
CA MET A 169 -37.32 9.75 -3.76
C MET A 169 -38.34 8.63 -3.83
N ASP A 170 -39.20 8.62 -4.85
CA ASP A 170 -40.09 7.50 -5.12
C ASP A 170 -39.54 6.58 -6.21
N SER A 171 -38.22 6.51 -6.34
CA SER A 171 -37.56 5.71 -7.36
C SER A 171 -36.77 4.59 -6.70
N PRO A 172 -36.52 3.49 -7.43
CA PRO A 172 -35.72 2.41 -6.85
C PRO A 172 -34.28 2.80 -6.59
N ALA A 173 -33.74 3.77 -7.33
CA ALA A 173 -32.37 4.21 -7.08
C ALA A 173 -32.23 4.82 -5.70
N PHE A 174 -33.16 5.71 -5.32
CA PHE A 174 -33.06 6.34 -4.02
C PHE A 174 -33.24 5.33 -2.89
N GLN A 175 -34.13 4.36 -3.08
CA GLN A 175 -34.36 3.34 -2.06
C GLN A 175 -33.09 2.53 -1.81
N GLU A 176 -32.47 2.03 -2.89
CA GLU A 176 -31.21 1.28 -2.76
C GLU A 176 -30.16 2.12 -2.06
N TYR A 177 -29.97 3.36 -2.52
CA TYR A 177 -28.92 4.20 -1.96
C TYR A 177 -29.19 4.55 -0.51
N SER A 178 -30.45 4.87 -0.19
CA SER A 178 -30.79 5.23 1.18
C SER A 178 -30.59 4.06 2.13
N ARG A 179 -30.90 2.85 1.68
CA ARG A 179 -30.74 1.66 2.52
C ARG A 179 -29.27 1.46 2.90
N THR A 180 -28.37 1.45 1.91
CA THR A 180 -26.97 1.21 2.23
C THR A 180 -26.35 2.39 2.95
N LEU A 181 -26.80 3.61 2.64
CA LEU A 181 -26.25 4.77 3.33
C LEU A 181 -26.58 4.73 4.82
N PHE A 182 -27.84 4.46 5.16
CA PHE A 182 -28.22 4.36 6.55
C PHE A 182 -27.83 3.02 7.18
N ASN A 183 -27.41 2.05 6.38
CA ASN A 183 -26.87 0.82 6.94
C ASN A 183 -25.54 1.05 7.66
N MET A 184 -24.83 2.12 7.34
CA MET A 184 -23.52 2.36 7.95
C MET A 184 -23.65 2.73 9.42
N ARG A 185 -22.68 2.31 10.17
CA ARG A 185 -22.53 2.70 11.56
C ARG A 185 -22.11 4.17 11.62
N PRO A 186 -22.73 5.00 12.48
CA PRO A 186 -22.48 6.46 12.39
C PRO A 186 -21.02 6.87 12.56
N ASP A 187 -20.33 6.32 13.56
CA ASP A 187 -18.95 6.74 13.79
C ASP A 187 -18.05 6.33 12.63
N ILE A 188 -18.27 5.13 12.08
CA ILE A 188 -17.54 4.71 10.89
C ILE A 188 -17.89 5.60 9.70
N SER A 189 -19.18 5.89 9.50
CA SER A 189 -19.57 6.78 8.42
C SER A 189 -18.85 8.11 8.50
N LEU A 190 -18.78 8.69 9.70
CA LEU A 190 -18.07 9.95 9.88
C LEU A 190 -16.59 9.81 9.58
N SER A 191 -16.00 8.68 9.98
CA SER A 191 -14.60 8.42 9.69
C SER A 191 -14.35 8.39 8.18
N MET A 192 -15.13 7.59 7.45
CA MET A 192 -14.94 7.50 6.00
CA MET A 192 -14.95 7.50 6.00
C MET A 192 -15.16 8.85 5.34
N ALA A 193 -16.17 9.60 5.77
CA ALA A 193 -16.42 10.92 5.20
C ALA A 193 -15.24 11.85 5.42
N ARG A 194 -14.58 11.75 6.58
CA ARG A 194 -13.40 12.56 6.83
C ARG A 194 -12.26 12.16 5.91
N THR A 195 -12.06 10.85 5.71
CA THR A 195 -11.01 10.39 4.81
C THR A 195 -11.26 10.86 3.38
N ILE A 196 -12.49 10.66 2.89
CA ILE A 196 -12.79 10.97 1.49
CA ILE A 196 -12.75 10.97 1.48
C ILE A 196 -12.65 12.46 1.22
N ASN A 197 -12.97 13.30 2.20
CA ASN A 197 -12.89 14.74 1.99
C ASN A 197 -11.56 15.34 2.40
N THR A 198 -10.57 14.52 2.77
CA THR A 198 -9.26 15.05 3.12
C THR A 198 -8.08 14.40 2.40
N TYR A 199 -8.29 13.30 1.67
CA TYR A 199 -7.17 12.75 0.93
C TYR A 199 -6.80 13.67 -0.23
N ASP A 200 -5.54 13.58 -0.65
CA ASP A 200 -5.00 14.41 -1.72
C ASP A 200 -4.22 13.51 -2.66
N MET A 201 -4.85 13.13 -3.79
CA MET A 201 -4.21 12.28 -4.77
C MET A 201 -3.41 13.05 -5.82
N ARG A 202 -3.52 14.38 -5.86
CA ARG A 202 -2.78 15.18 -6.83
C ARG A 202 -1.29 14.84 -6.89
N PRO A 203 -0.56 14.70 -5.77
CA PRO A 203 0.86 14.32 -5.89
C PRO A 203 1.09 12.90 -6.40
N PHE A 204 0.08 12.03 -6.36
CA PHE A 204 0.25 10.64 -6.77
C PHE A 204 -0.19 10.36 -8.20
N LEU A 205 -0.91 11.29 -8.84
CA LEU A 205 -1.44 11.02 -10.18
C LEU A 205 -0.32 10.73 -11.17
N GLY A 206 0.81 11.43 -11.05
CA GLY A 206 1.93 11.21 -11.95
C GLY A 206 2.56 9.83 -11.81
N HIS A 207 2.30 9.14 -10.71
CA HIS A 207 2.84 7.79 -10.51
C HIS A 207 1.91 6.70 -11.01
N VAL A 208 0.63 7.00 -11.23
CA VAL A 208 -0.25 6.06 -11.90
C VAL A 208 0.23 5.90 -13.33
N THR A 209 0.38 4.66 -13.79
CA THR A 209 0.85 4.40 -15.15
C THR A 209 -0.06 3.50 -15.97
N VAL A 210 -0.99 2.78 -15.35
CA VAL A 210 -1.92 1.94 -16.10
C VAL A 210 -2.91 2.84 -16.83
N PRO A 211 -3.51 2.40 -17.94
CA PRO A 211 -4.48 3.24 -18.63
C PRO A 211 -5.71 3.50 -17.77
N CYS A 212 -6.19 4.75 -17.81
CA CYS A 212 -7.36 5.16 -17.04
C CYS A 212 -8.44 5.70 -17.96
N HIS A 213 -9.67 5.22 -17.78
CA HIS A 213 -10.84 5.73 -18.47
C HIS A 213 -11.64 6.53 -17.46
N ILE A 214 -11.76 7.84 -17.72
CA ILE A 214 -12.32 8.80 -16.76
C ILE A 214 -13.75 9.09 -17.17
N ILE A 215 -14.71 8.46 -16.50
CA ILE A 215 -16.13 8.60 -16.82
C ILE A 215 -16.76 9.52 -15.78
N TYR A 216 -17.45 10.56 -16.23
CA TYR A 216 -18.04 11.51 -15.29
C TYR A 216 -19.47 11.85 -15.67
N SER A 217 -20.24 12.22 -14.64
CA SER A 217 -21.59 12.73 -14.82
CA SER A 217 -21.59 12.73 -14.79
C SER A 217 -21.53 14.25 -14.97
N ARG A 218 -22.11 14.76 -16.07
CA ARG A 218 -22.03 16.19 -16.33
C ARG A 218 -22.73 17.02 -15.25
N GLU A 219 -23.69 16.46 -14.53
CA GLU A 219 -24.32 17.20 -13.44
C GLU A 219 -24.13 16.47 -12.12
N ASP A 220 -22.88 16.20 -11.76
CA ASP A 220 -22.54 15.55 -10.51
C ASP A 220 -22.49 16.58 -9.40
N PRO A 221 -23.35 16.49 -8.38
CA PRO A 221 -23.36 17.49 -7.30
C PRO A 221 -22.13 17.44 -6.41
N ILE A 222 -21.18 16.55 -6.65
CA ILE A 222 -20.01 16.38 -5.79
C ILE A 222 -18.73 16.64 -6.58
N VAL A 223 -18.77 16.43 -7.89
CA VAL A 223 -17.53 16.43 -8.67
C VAL A 223 -17.62 17.41 -9.84
N PRO A 224 -16.84 18.49 -9.83
CA PRO A 224 -16.85 19.40 -10.97
C PRO A 224 -16.43 18.71 -12.26
N VAL A 225 -17.14 19.03 -13.34
CA VAL A 225 -16.81 18.50 -14.67
C VAL A 225 -15.34 18.75 -14.99
N LYS A 226 -14.79 19.88 -14.55
CA LYS A 226 -13.42 20.23 -14.91
C LYS A 226 -12.39 19.27 -14.32
N LEU A 227 -12.71 18.57 -13.23
CA LEU A 227 -11.74 17.67 -12.64
C LEU A 227 -11.40 16.50 -13.56
N ALA A 228 -12.34 16.07 -14.40
CA ALA A 228 -12.06 15.02 -15.37
C ALA A 228 -10.88 15.41 -16.26
N GLU A 229 -10.85 16.65 -16.74
CA GLU A 229 -9.72 17.11 -17.53
C GLU A 229 -8.47 17.25 -16.68
N TYR A 230 -8.61 17.63 -15.41
CA TYR A 230 -7.44 17.72 -14.53
C TYR A 230 -6.79 16.36 -14.37
N LEU A 231 -7.60 15.32 -14.12
CA LEU A 231 -7.07 13.96 -14.09
C LEU A 231 -6.41 13.61 -15.42
N HIS A 232 -7.07 13.94 -16.53
CA HIS A 232 -6.54 13.63 -17.86
C HIS A 232 -5.17 14.28 -18.07
N GLN A 233 -4.99 15.51 -17.59
CA GLN A 233 -3.74 16.23 -17.76
C GLN A 233 -2.62 15.70 -16.88
N ASN A 234 -2.94 15.04 -15.77
CA ASN A 234 -1.95 14.78 -14.74
C ASN A 234 -1.67 13.32 -14.45
N LEU A 235 -2.48 12.40 -14.95
CA LEU A 235 -2.15 10.98 -14.83
C LEU A 235 -0.86 10.66 -15.58
N GLY A 236 -0.10 9.70 -15.04
CA GLY A 236 1.22 9.41 -15.58
C GLY A 236 1.24 8.53 -16.81
N GLY A 237 0.15 7.80 -17.09
CA GLY A 237 0.05 6.99 -18.27
C GLY A 237 -0.99 7.51 -19.25
N LYS A 238 -1.45 6.61 -20.11
CA LYS A 238 -2.55 6.94 -21.02
C LYS A 238 -3.84 7.15 -20.24
N SER A 239 -4.69 8.04 -20.76
CA SER A 239 -6.01 8.26 -20.20
C SER A 239 -6.96 8.78 -21.27
N ILE A 240 -8.25 8.61 -21.02
CA ILE A 240 -9.31 9.10 -21.90
C ILE A 240 -10.46 9.56 -21.04
N VAL A 241 -11.19 10.55 -21.53
CA VAL A 241 -12.30 11.18 -20.80
C VAL A 241 -13.58 10.98 -21.59
N GLU A 242 -14.67 10.69 -20.89
CA GLU A 242 -15.99 10.71 -21.51
C GLU A 242 -17.03 11.17 -20.50
N GLY A 243 -17.83 12.17 -20.89
CA GLY A 243 -18.90 12.67 -20.07
C GLY A 243 -20.24 12.07 -20.43
N MET A 244 -21.16 12.10 -19.47
CA MET A 244 -22.49 11.55 -19.64
C MET A 244 -23.52 12.60 -19.27
N SER A 245 -24.58 12.70 -20.08
CA SER A 245 -25.69 13.61 -19.79
C SER A 245 -26.60 12.96 -18.74
N THR A 246 -26.07 12.91 -17.51
CA THR A 246 -26.79 12.39 -16.36
C THR A 246 -26.78 13.42 -15.24
N TYR A 247 -27.67 13.24 -14.28
CA TYR A 247 -27.78 14.11 -13.13
C TYR A 247 -27.59 13.27 -11.87
N GLY A 248 -26.59 13.63 -11.07
CA GLY A 248 -26.32 12.94 -9.82
C GLY A 248 -24.90 12.39 -9.77
N HIS A 249 -24.54 11.98 -8.56
CA HIS A 249 -23.20 11.47 -8.28
C HIS A 249 -23.08 9.97 -8.51
N LEU A 250 -24.19 9.23 -8.61
CA LEU A 250 -24.16 7.78 -8.76
C LEU A 250 -24.91 7.36 -10.02
N PRO A 251 -24.43 7.77 -11.20
CA PRO A 251 -25.19 7.49 -12.43
C PRO A 251 -25.28 6.01 -12.76
N HIS A 252 -24.34 5.18 -12.31
CA HIS A 252 -24.45 3.75 -12.53
C HIS A 252 -25.66 3.15 -11.81
N LEU A 253 -26.20 3.85 -10.82
CA LEU A 253 -27.42 3.42 -10.14
C LEU A 253 -28.65 4.21 -10.54
N SER A 254 -28.54 5.52 -10.69
CA SER A 254 -29.67 6.38 -11.02
C SER A 254 -29.98 6.42 -12.51
N ALA A 255 -28.98 6.33 -13.37
CA ALA A 255 -29.18 6.37 -14.82
C ALA A 255 -28.46 5.21 -15.50
N PRO A 256 -28.83 3.97 -15.17
CA PRO A 256 -28.13 2.83 -15.79
C PRO A 256 -28.34 2.76 -17.29
N GLU A 257 -29.46 3.25 -17.80
CA GLU A 257 -29.69 3.21 -19.24
C GLU A 257 -28.67 4.07 -19.99
N VAL A 258 -28.20 5.15 -19.37
CA VAL A 258 -27.13 5.95 -19.95
C VAL A 258 -25.76 5.40 -19.58
N THR A 259 -25.58 4.96 -18.34
CA THR A 259 -24.23 4.72 -17.84
C THR A 259 -23.69 3.36 -18.28
N ILE A 260 -24.51 2.32 -18.22
CA ILE A 260 -24.03 0.97 -18.53
C ILE A 260 -23.48 0.86 -19.94
N PRO A 261 -24.15 1.37 -20.98
CA PRO A 261 -23.51 1.33 -22.31
C PRO A 261 -22.15 2.00 -22.35
N VAL A 262 -21.99 3.11 -21.62
CA VAL A 262 -20.70 3.80 -21.58
C VAL A 262 -19.65 2.94 -20.89
N LEU A 263 -20.02 2.32 -19.77
CA LEU A 263 -19.06 1.49 -19.04
C LEU A 263 -18.66 0.26 -19.87
N LEU A 264 -19.63 -0.40 -20.48
CA LEU A 264 -19.34 -1.57 -21.31
C LEU A 264 -18.33 -1.25 -22.39
N ARG A 265 -18.52 -0.12 -23.07
CA ARG A 265 -17.61 0.26 -24.15
C ARG A 265 -16.20 0.46 -23.63
N HIS A 266 -16.05 1.16 -22.49
CA HIS A 266 -14.72 1.39 -21.93
C HIS A 266 -14.13 0.14 -21.28
N ILE A 267 -14.98 -0.78 -20.82
CA ILE A 267 -14.46 -2.07 -20.36
C ILE A 267 -13.94 -2.90 -21.54
N ARG A 268 -14.72 -2.95 -22.62
CA ARG A 268 -14.41 -3.86 -23.72
C ARG A 268 -13.34 -3.30 -24.66
N GLN A 269 -13.25 -1.98 -24.80
CA GLN A 269 -12.33 -1.37 -25.75
C GLN A 269 -11.12 -0.80 -25.04
N ASP A 270 -9.95 -1.00 -25.62
CA ASP A 270 -8.76 -0.32 -25.11
C ASP A 270 -8.81 1.15 -25.50
N ILE A 271 -7.82 1.91 -25.00
CA ILE A 271 -7.97 3.36 -24.95
C ILE A 271 -8.00 3.98 -26.36
N VAL A 272 -7.33 3.37 -27.33
CA VAL A 272 -7.35 3.90 -28.69
C VAL A 272 -8.76 3.84 -29.28
N ASP A 273 -9.52 2.79 -28.97
CA ASP A 273 -10.84 2.60 -29.58
C ASP A 273 -11.98 3.31 -28.83
N LYS B 6 1.23 -22.59 7.10
CA LYS B 6 1.67 -22.35 5.73
C LYS B 6 2.60 -21.13 5.67
N VAL B 7 2.14 -20.01 6.24
CA VAL B 7 2.95 -18.80 6.25
C VAL B 7 4.17 -18.99 7.14
N GLY B 8 3.99 -19.60 8.31
CA GLY B 8 5.11 -19.80 9.21
C GLY B 8 6.19 -20.71 8.65
N SER B 9 5.78 -21.73 7.88
CA SER B 9 6.77 -22.62 7.29
C SER B 9 7.50 -21.94 6.13
N ALA B 10 6.77 -21.18 5.31
CA ALA B 10 7.37 -20.59 4.12
C ALA B 10 8.44 -19.56 4.47
N HIS B 11 8.34 -18.94 5.64
CA HIS B 11 9.28 -17.92 6.08
C HIS B 11 10.12 -18.35 7.27
N ASN B 12 10.08 -19.62 7.65
CA ASN B 12 10.88 -20.12 8.77
C ASN B 12 10.61 -19.32 10.03
N VAL B 13 9.34 -18.99 10.25
CA VAL B 13 8.97 -18.15 11.39
C VAL B 13 9.36 -18.87 12.68
N ARG B 14 10.08 -18.16 13.55
CA ARG B 14 10.49 -18.69 14.83
C ARG B 14 10.15 -17.67 15.92
N VAL B 15 9.50 -18.13 16.97
CA VAL B 15 9.10 -17.28 18.10
C VAL B 15 9.94 -17.67 19.31
N LEU B 16 10.50 -16.68 19.99
CA LEU B 16 11.33 -16.89 21.16
C LEU B 16 10.90 -15.95 22.27
N GLY B 17 11.29 -16.29 23.50
CA GLY B 17 11.03 -15.43 24.63
C GLY B 17 9.56 -15.38 25.02
N SER B 18 9.23 -14.36 25.82
CA SER B 18 7.87 -14.18 26.30
C SER B 18 7.72 -12.74 26.77
N GLY B 19 6.47 -12.30 26.85
CA GLY B 19 6.14 -10.95 27.24
C GLY B 19 4.93 -10.46 26.49
N GLY B 20 4.34 -9.38 27.00
CA GLY B 20 3.15 -8.81 26.40
C GLY B 20 3.39 -8.06 25.10
N THR B 21 4.65 -7.80 24.75
CA THR B 21 5.00 -7.10 23.52
C THR B 21 5.93 -7.99 22.71
N THR B 22 5.64 -8.10 21.42
CA THR B 22 6.49 -8.86 20.51
C THR B 22 7.39 -7.92 19.73
N VAL B 23 8.64 -8.33 19.57
CA VAL B 23 9.63 -7.62 18.76
C VAL B 23 9.87 -8.45 17.51
N VAL B 24 9.57 -7.86 16.35
CA VAL B 24 9.68 -8.53 15.05
C VAL B 24 10.95 -8.06 14.37
N LEU B 25 11.80 -9.00 13.94
CA LEU B 25 13.10 -8.68 13.36
C LEU B 25 13.11 -9.11 11.89
N GLY B 26 13.30 -8.14 10.99
CA GLY B 26 13.36 -8.42 9.57
C GLY B 26 14.73 -8.13 8.97
N HIS B 27 15.35 -9.16 8.38
CA HIS B 27 16.70 -9.02 7.86
C HIS B 27 16.68 -8.34 6.49
N GLY B 28 17.89 -8.05 5.98
CA GLY B 28 18.06 -7.42 4.70
C GLY B 28 18.59 -8.37 3.64
N PHE B 29 18.93 -7.80 2.49
CA PHE B 29 19.39 -8.59 1.35
C PHE B 29 20.60 -9.42 1.72
N GLY B 30 20.64 -10.65 1.18
CA GLY B 30 21.76 -11.54 1.37
C GLY B 30 21.88 -12.12 2.75
N CYS B 31 20.94 -11.84 3.65
CA CYS B 31 20.97 -12.32 5.02
C CYS B 31 19.84 -13.32 5.26
N GLU B 32 19.85 -13.87 6.47
CA GLU B 32 18.79 -14.72 6.98
C GLU B 32 18.54 -14.33 8.43
N GLN B 33 17.53 -14.92 9.06
CA GLN B 33 17.19 -14.50 10.42
C GLN B 33 18.34 -14.68 11.40
N SER B 34 19.33 -15.51 11.06
CA SER B 34 20.52 -15.68 11.90
C SER B 34 21.34 -14.41 12.05
N VAL B 35 21.10 -13.39 11.21
CA VAL B 35 21.85 -12.15 11.32
C VAL B 35 21.54 -11.42 12.63
N TRP B 36 20.41 -11.72 13.27
CA TRP B 36 20.00 -11.07 14.51
C TRP B 36 20.52 -11.79 15.76
N ARG B 37 21.47 -12.71 15.61
CA ARG B 37 21.85 -13.59 16.71
C ARG B 37 22.45 -12.82 17.88
N HIS B 38 23.12 -11.69 17.64
CA HIS B 38 23.67 -10.91 18.74
C HIS B 38 22.61 -10.09 19.47
N LEU B 39 21.40 -9.98 18.92
CA LEU B 39 20.36 -9.14 19.51
C LEU B 39 19.33 -9.95 20.28
N VAL B 40 18.93 -11.11 19.75
CA VAL B 40 17.83 -11.88 20.35
C VAL B 40 18.05 -12.19 21.83
N PRO B 41 19.22 -12.69 22.26
CA PRO B 41 19.36 -13.06 23.68
C PRO B 41 19.16 -11.89 24.65
N HIS B 42 19.38 -10.65 24.19
CA HIS B 42 19.13 -9.48 25.04
C HIS B 42 17.65 -9.11 25.13
N LEU B 43 16.79 -9.72 24.32
CA LEU B 43 15.38 -9.35 24.29
C LEU B 43 14.44 -10.40 24.86
N VAL B 44 14.84 -11.67 24.86
CA VAL B 44 13.90 -12.75 25.19
C VAL B 44 13.41 -12.66 26.63
N ASP B 45 14.25 -12.18 27.55
CA ASP B 45 13.83 -12.12 28.95
C ASP B 45 12.74 -11.09 29.20
N GLU B 46 12.61 -10.10 28.32
CA GLU B 46 11.59 -9.05 28.47
C GLU B 46 10.52 -9.08 27.38
N TYR B 47 10.85 -9.53 26.19
CA TYR B 47 9.94 -9.47 25.06
C TYR B 47 9.79 -10.84 24.42
N ARG B 48 8.63 -11.05 23.79
CA ARG B 48 8.51 -12.09 22.78
C ARG B 48 9.23 -11.61 21.52
N VAL B 49 9.98 -12.50 20.89
CA VAL B 49 10.79 -12.16 19.72
C VAL B 49 10.37 -13.05 18.57
N LEU B 50 10.03 -12.43 17.43
CA LEU B 50 9.61 -13.13 16.23
C LEU B 50 10.70 -12.96 15.17
N LEU B 51 11.19 -14.09 14.65
CA LEU B 51 12.17 -14.08 13.57
C LEU B 51 11.53 -14.68 12.33
N TYR B 52 11.93 -14.17 11.17
CA TYR B 52 11.41 -14.66 9.90
C TYR B 52 12.41 -14.36 8.81
N ASP B 53 12.33 -15.11 7.73
CA ASP B 53 13.18 -14.93 6.56
C ASP B 53 12.36 -14.28 5.44
N VAL B 54 12.93 -13.27 4.80
CA VAL B 54 12.33 -12.68 3.61
C VAL B 54 12.25 -13.73 2.52
N MET B 55 11.10 -13.81 1.85
CA MET B 55 10.96 -14.76 0.74
C MET B 55 12.00 -14.46 -0.32
N GLY B 56 12.73 -15.49 -0.73
CA GLY B 56 13.85 -15.36 -1.64
C GLY B 56 15.21 -15.59 -1.00
N ALA B 57 15.27 -15.54 0.33
CA ALA B 57 16.49 -15.97 1.02
C ALA B 57 16.77 -17.42 0.70
N GLY B 58 18.07 -17.77 0.72
CA GLY B 58 18.45 -19.15 0.40
C GLY B 58 17.79 -20.17 1.29
N SER B 59 17.49 -19.79 2.53
CA SER B 59 16.82 -20.68 3.48
C SER B 59 15.35 -20.91 3.14
N THR B 60 14.79 -20.25 2.13
CA THR B 60 13.39 -20.42 1.81
C THR B 60 13.22 -21.27 0.56
N ASN B 61 12.01 -21.72 0.35
CA ASN B 61 11.75 -22.61 -0.78
C ASN B 61 11.72 -21.81 -2.07
N PRO B 62 12.58 -22.11 -3.05
CA PRO B 62 12.55 -21.37 -4.31
C PRO B 62 11.23 -21.50 -5.05
N ASP B 63 10.44 -22.53 -4.77
CA ASP B 63 9.14 -22.68 -5.42
C ASP B 63 8.16 -21.57 -5.04
N TYR B 64 8.36 -20.92 -3.90
CA TYR B 64 7.45 -19.88 -3.45
C TYR B 64 7.84 -18.49 -3.93
N TYR B 65 8.90 -18.35 -4.72
CA TYR B 65 9.36 -17.03 -5.15
C TYR B 65 8.70 -16.65 -6.47
N ASP B 66 7.61 -15.90 -6.38
CA ASP B 66 6.90 -15.35 -7.53
C ASP B 66 7.68 -14.13 -8.03
N PHE B 67 8.33 -14.26 -9.18
CA PHE B 67 9.22 -13.20 -9.67
C PHE B 67 8.48 -11.90 -9.94
N VAL B 68 7.22 -11.96 -10.37
CA VAL B 68 6.46 -10.74 -10.59
C VAL B 68 6.07 -10.10 -9.27
N ARG B 69 5.53 -10.90 -8.36
CA ARG B 69 5.10 -10.40 -7.06
CA ARG B 69 5.10 -10.39 -7.06
C ARG B 69 6.25 -9.74 -6.30
N TYR B 70 7.43 -10.36 -6.35
CA TYR B 70 8.58 -9.85 -5.61
C TYR B 70 9.49 -8.97 -6.47
N SER B 71 9.02 -8.55 -7.64
CA SER B 71 9.65 -7.42 -8.32
C SER B 71 9.24 -6.10 -7.71
N THR B 72 8.33 -6.12 -6.74
CA THR B 72 7.82 -4.93 -6.08
C THR B 72 8.05 -5.04 -4.58
N LEU B 73 8.14 -3.88 -3.94
CA LEU B 73 8.23 -3.82 -2.49
C LEU B 73 6.95 -4.32 -1.84
N GLU B 74 5.80 -4.15 -2.50
CA GLU B 74 4.51 -4.48 -1.91
C GLU B 74 4.40 -5.98 -1.61
N GLY B 75 4.95 -6.82 -2.50
CA GLY B 75 4.89 -8.25 -2.27
C GLY B 75 5.54 -8.68 -0.97
N HIS B 76 6.68 -8.05 -0.63
CA HIS B 76 7.32 -8.35 0.66
C HIS B 76 6.56 -7.76 1.83
N ALA B 77 5.91 -6.60 1.62
CA ALA B 77 5.09 -6.02 2.67
C ALA B 77 3.88 -6.88 2.99
N HIS B 78 3.22 -7.42 1.96
CA HIS B 78 2.10 -8.34 2.18
CA HIS B 78 2.10 -8.32 2.21
C HIS B 78 2.55 -9.59 2.91
N ASP B 79 3.78 -10.07 2.64
CA ASP B 79 4.30 -11.22 3.38
C ASP B 79 4.45 -10.91 4.85
N LEU B 80 5.04 -9.75 5.16
CA LEU B 80 5.17 -9.33 6.55
C LEU B 80 3.82 -9.25 7.24
N LEU B 81 2.83 -8.66 6.57
CA LEU B 81 1.51 -8.53 7.18
C LEU B 81 0.88 -9.89 7.43
N ALA B 82 1.05 -10.83 6.49
CA ALA B 82 0.55 -12.19 6.74
C ALA B 82 1.23 -12.81 7.95
N ILE B 83 2.52 -12.53 8.15
CA ILE B 83 3.22 -13.08 9.30
C ILE B 83 2.69 -12.47 10.60
N LEU B 84 2.49 -11.14 10.62
CA LEU B 84 1.99 -10.49 11.83
C LEU B 84 0.58 -10.95 12.18
N GLU B 85 -0.29 -11.06 11.17
CA GLU B 85 -1.68 -11.46 11.43
CA GLU B 85 -1.67 -11.45 11.44
C GLU B 85 -1.74 -12.86 12.02
N GLU B 86 -0.89 -13.77 11.53
CA GLU B 86 -0.91 -15.16 11.97
C GLU B 86 -0.27 -15.33 13.34
N PHE B 87 0.80 -14.59 13.63
CA PHE B 87 1.67 -14.90 14.76
C PHE B 87 1.70 -13.85 15.86
N THR B 88 1.21 -12.64 15.62
CA THR B 88 1.18 -11.64 16.67
C THR B 88 -0.25 -11.25 16.99
N ILE B 89 -0.38 -10.42 18.02
CA ILE B 89 -1.65 -9.85 18.40
C ILE B 89 -1.37 -8.46 18.96
N GLY B 90 -2.25 -7.52 18.66
CA GLY B 90 -1.99 -6.15 19.06
C GLY B 90 -0.88 -5.52 18.26
N LYS B 91 -0.18 -4.57 18.88
CA LYS B 91 0.88 -3.82 18.22
C LYS B 91 2.25 -4.38 18.58
N CYS B 92 3.12 -4.46 17.59
CA CYS B 92 4.47 -5.00 17.74
C CYS B 92 5.50 -3.90 17.61
N ILE B 93 6.73 -4.22 18.03
CA ILE B 93 7.90 -3.38 17.77
C ILE B 93 8.63 -4.00 16.59
N PHE B 94 8.63 -3.32 15.44
CA PHE B 94 9.24 -3.87 14.25
C PHE B 94 10.64 -3.29 14.06
N VAL B 95 11.62 -4.16 13.92
CA VAL B 95 13.00 -3.78 13.64
C VAL B 95 13.36 -4.34 12.27
N GLY B 96 13.84 -3.47 11.39
CA GLY B 96 14.14 -3.90 10.04
C GLY B 96 15.43 -3.30 9.50
N HIS B 97 16.26 -4.13 8.89
CA HIS B 97 17.51 -3.67 8.31
C HIS B 97 17.34 -3.50 6.81
N SER B 98 17.73 -2.33 6.31
CA SER B 98 17.78 -2.07 4.88
C SER B 98 16.43 -2.33 4.21
N LEU B 99 16.36 -3.36 3.36
CA LEU B 99 15.13 -3.69 2.64
C LEU B 99 13.93 -3.77 3.57
N SER B 100 14.06 -4.53 4.66
CA SER B 100 12.95 -4.74 5.58
C SER B 100 12.58 -3.47 6.33
N SER B 101 13.48 -2.48 6.41
CA SER B 101 13.07 -1.21 7.00
C SER B 101 12.00 -0.53 6.16
N MET B 102 12.14 -0.58 4.84
CA MET B 102 11.12 0.00 3.97
C MET B 102 9.92 -0.93 3.79
N VAL B 103 10.14 -2.25 3.83
CA VAL B 103 9.04 -3.19 3.92
C VAL B 103 8.15 -2.85 5.10
N GLY B 104 8.76 -2.60 6.26
CA GLY B 104 7.99 -2.25 7.45
C GLY B 104 7.35 -0.88 7.35
N ALA B 105 8.06 0.09 6.76
CA ALA B 105 7.47 1.41 6.55
C ALA B 105 6.18 1.31 5.75
N MET B 106 6.19 0.56 4.64
CA MET B 106 5.00 0.40 3.83
C MET B 106 3.93 -0.39 4.58
N ALA B 107 4.33 -1.48 5.23
CA ALA B 107 3.37 -2.28 5.99
C ALA B 107 2.69 -1.45 7.08
N SER B 108 3.40 -0.48 7.66
CA SER B 108 2.80 0.36 8.70
C SER B 108 1.81 1.37 8.13
N ILE B 109 1.91 1.68 6.83
CA ILE B 109 0.88 2.51 6.22
C ILE B 109 -0.38 1.68 5.97
N PHE B 110 -0.20 0.44 5.50
CA PHE B 110 -1.34 -0.45 5.28
C PHE B 110 -2.03 -0.80 6.59
N ARG B 111 -1.26 -1.11 7.63
CA ARG B 111 -1.80 -1.57 8.91
C ARG B 111 -1.09 -0.85 10.06
N PRO B 112 -1.36 0.44 10.24
CA PRO B 112 -0.75 1.15 11.37
C PRO B 112 -1.20 0.61 12.72
N ASP B 113 -2.35 -0.06 12.77
CA ASP B 113 -2.85 -0.63 14.01
C ASP B 113 -2.04 -1.83 14.48
N LEU B 114 -1.03 -2.27 13.73
CA LEU B 114 -0.24 -3.43 14.11
C LEU B 114 1.17 -3.09 14.57
N PHE B 115 1.56 -1.81 14.55
CA PHE B 115 2.93 -1.42 14.88
C PHE B 115 2.95 -0.39 16.00
N HIS B 116 3.71 -0.69 17.06
CA HIS B 116 4.02 0.32 18.08
CA HIS B 116 4.00 0.33 18.07
C HIS B 116 5.00 1.34 17.54
N LYS B 117 6.03 0.87 16.85
CA LYS B 117 7.08 1.73 16.30
C LYS B 117 7.88 0.92 15.29
N LEU B 118 8.68 1.64 14.50
CA LEU B 118 9.62 1.04 13.56
C LEU B 118 11.03 1.44 13.94
N VAL B 119 11.93 0.45 14.02
CA VAL B 119 13.35 0.70 14.23
C VAL B 119 14.05 0.34 12.92
N MET B 120 14.60 1.34 12.26
CA MET B 120 15.19 1.19 10.93
C MET B 120 16.70 1.23 11.04
N ILE B 121 17.37 0.26 10.41
CA ILE B 121 18.82 0.20 10.34
C ILE B 121 19.23 0.29 8.88
N SER B 122 20.14 1.22 8.58
CA SER B 122 20.66 1.39 7.22
C SER B 122 19.51 1.59 6.23
N ALA B 123 18.58 2.47 6.60
CA ALA B 123 17.37 2.67 5.82
C ALA B 123 17.60 3.64 4.67
N SER B 124 16.95 3.36 3.54
CA SER B 124 16.98 4.26 2.41
C SER B 124 15.63 4.18 1.71
N PRO B 125 14.98 5.32 1.45
CA PRO B 125 13.70 5.28 0.73
C PRO B 125 13.87 5.06 -0.77
N ARG B 126 15.09 5.24 -1.30
CA ARG B 126 15.36 5.10 -2.73
C ARG B 126 16.87 5.12 -2.96
N VAL B 127 17.41 4.07 -3.58
CA VAL B 127 18.85 4.01 -3.80
C VAL B 127 19.25 4.84 -5.01
N LEU B 128 18.43 4.87 -6.06
CA LEU B 128 18.78 5.56 -7.29
C LEU B 128 18.81 7.06 -7.08
N ASN B 129 19.79 7.72 -7.70
CA ASN B 129 19.86 9.17 -7.68
C ASN B 129 18.70 9.77 -8.45
N SER B 130 18.31 10.98 -8.05
CA SER B 130 17.18 11.70 -8.60
C SER B 130 17.54 13.18 -8.61
N PRO B 131 16.88 14.00 -9.48
CA PRO B 131 17.25 15.42 -9.62
C PRO B 131 17.61 16.15 -8.32
N GLY B 132 16.72 16.16 -7.34
CA GLY B 132 17.05 16.80 -6.08
C GLY B 132 17.32 15.83 -4.96
N TYR B 133 17.77 14.62 -5.27
CA TYR B 133 17.85 13.56 -4.27
C TYR B 133 19.07 12.69 -4.56
N HIS B 134 19.95 12.57 -3.58
CA HIS B 134 21.17 11.77 -3.73
C HIS B 134 20.99 10.47 -2.94
N GLY B 135 20.53 9.43 -3.63
CA GLY B 135 20.43 8.11 -3.03
C GLY B 135 21.75 7.36 -2.98
N GLY B 136 22.71 7.75 -3.81
CA GLY B 136 24.03 7.14 -3.82
C GLY B 136 24.32 6.23 -5.01
N LEU B 137 23.40 6.12 -5.97
CA LEU B 137 23.63 5.23 -7.11
C LEU B 137 22.97 5.82 -8.35
N ASP B 138 23.72 5.86 -9.45
CA ASP B 138 23.20 6.31 -10.73
C ASP B 138 22.55 5.15 -11.48
N GLN B 139 21.58 5.50 -12.33
CA GLN B 139 20.83 4.47 -13.05
C GLN B 139 21.74 3.63 -13.93
N LYS B 140 22.63 4.28 -14.69
CA LYS B 140 23.49 3.54 -15.61
C LYS B 140 24.48 2.64 -14.87
N ASP B 141 24.84 3.00 -13.64
CA ASP B 141 25.68 2.11 -12.85
C ASP B 141 24.89 0.91 -12.35
N LEU B 142 23.64 1.14 -11.93
CA LEU B 142 22.78 0.02 -11.55
C LEU B 142 22.64 -0.99 -12.67
N ASP B 143 22.47 -0.51 -13.91
CA ASP B 143 22.35 -1.42 -15.04
C ASP B 143 23.61 -2.25 -15.22
N GLN B 144 24.79 -1.63 -15.07
CA GLN B 144 26.04 -2.36 -15.19
C GLN B 144 26.20 -3.39 -14.08
N PHE B 145 25.85 -3.02 -12.84
CA PHE B 145 25.97 -3.95 -11.74
C PHE B 145 25.04 -5.15 -11.93
N LEU B 146 23.85 -4.92 -12.47
CA LEU B 146 22.91 -6.02 -12.68
C LEU B 146 23.37 -6.94 -13.80
N VAL B 147 23.91 -6.38 -14.89
CA VAL B 147 24.47 -7.21 -15.94
C VAL B 147 25.67 -7.99 -15.42
N ALA B 148 26.57 -7.32 -14.69
CA ALA B 148 27.73 -8.02 -14.13
C ALA B 148 27.30 -9.10 -13.14
N MET B 149 26.22 -8.86 -12.40
CA MET B 149 25.73 -9.87 -11.47
C MET B 149 25.14 -11.07 -12.19
N GLU B 150 24.56 -10.86 -13.39
CA GLU B 150 23.94 -11.99 -14.10
C GLU B 150 24.97 -12.83 -14.84
N THR B 151 26.01 -12.20 -15.39
CA THR B 151 26.96 -12.92 -16.23
C THR B 151 28.04 -13.61 -15.41
N ASN B 152 28.64 -12.90 -14.46
CA ASN B 152 29.69 -13.44 -13.60
C ASN B 152 29.21 -13.37 -12.15
N TYR B 153 28.28 -14.27 -11.81
CA TYR B 153 27.57 -14.20 -10.54
C TYR B 153 28.52 -14.32 -9.35
N LYS B 154 29.24 -15.45 -9.26
CA LYS B 154 30.09 -15.70 -8.09
C LYS B 154 31.22 -14.70 -8.00
N SER B 155 31.73 -14.22 -9.13
CA SER B 155 32.78 -13.21 -9.10
C SER B 155 32.23 -11.86 -8.62
N PHE B 156 30.99 -11.53 -9.02
CA PHE B 156 30.38 -10.28 -8.60
C PHE B 156 30.14 -10.26 -7.09
N LEU B 157 29.55 -11.33 -6.56
CA LEU B 157 29.28 -11.40 -5.13
C LEU B 157 30.57 -11.37 -4.31
N SER B 158 31.63 -11.99 -4.83
CA SER B 158 32.90 -12.00 -4.09
C SER B 158 33.51 -10.61 -3.98
N GLY B 159 33.19 -9.70 -4.88
CA GLY B 159 33.69 -8.34 -4.80
C GLY B 159 32.75 -7.37 -4.10
N MET B 160 31.44 -7.58 -4.23
CA MET B 160 30.46 -6.66 -3.66
C MET B 160 30.36 -6.82 -2.15
N ALA B 161 30.05 -8.03 -1.69
CA ALA B 161 29.82 -8.26 -0.27
C ALA B 161 30.94 -7.77 0.65
N PRO B 162 32.22 -7.85 0.29
CA PRO B 162 33.24 -7.21 1.15
C PRO B 162 33.10 -5.71 1.22
N LEU B 163 32.79 -5.07 0.08
CA LEU B 163 32.57 -3.62 0.08
C LEU B 163 31.36 -3.24 0.92
N VAL B 164 30.30 -4.05 0.85
CA VAL B 164 29.07 -3.75 1.58
C VAL B 164 29.30 -3.89 3.09
N ILE B 165 29.98 -4.96 3.51
CA ILE B 165 30.39 -5.09 4.90
C ILE B 165 31.46 -4.07 5.24
N GLY B 166 32.28 -3.69 4.26
CA GLY B 166 33.42 -2.83 4.49
C GLY B 166 34.59 -3.63 5.05
N CYS B 167 35.11 -4.56 4.27
CA CYS B 167 36.00 -5.59 4.80
C CYS B 167 36.72 -6.27 3.65
N ASP B 168 37.48 -7.33 4.00
CA ASP B 168 38.13 -8.35 3.14
C ASP B 168 39.64 -8.30 3.23
N SER B 171 39.55 -10.15 6.90
CA SER B 171 38.31 -10.67 6.31
C SER B 171 37.45 -11.68 7.10
N PRO B 172 37.67 -11.91 8.40
CA PRO B 172 36.71 -12.74 9.14
C PRO B 172 35.35 -12.07 9.31
N ALA B 173 35.25 -10.75 9.16
CA ALA B 173 33.99 -10.06 9.44
C ALA B 173 32.91 -10.38 8.43
N PHE B 174 33.29 -10.75 7.21
CA PHE B 174 32.33 -10.92 6.12
C PHE B 174 32.09 -12.39 5.77
N GLN B 175 32.81 -13.32 6.39
CA GLN B 175 32.59 -14.74 6.12
C GLN B 175 31.15 -15.15 6.43
N GLU B 176 30.59 -14.65 7.53
CA GLU B 176 29.23 -14.99 7.91
C GLU B 176 28.23 -14.49 6.87
N TYR B 177 28.36 -13.23 6.46
CA TYR B 177 27.51 -12.70 5.40
C TYR B 177 27.69 -13.46 4.09
N SER B 178 28.91 -13.92 3.81
CA SER B 178 29.14 -14.69 2.59
C SER B 178 28.36 -16.00 2.60
N ARG B 179 28.25 -16.65 3.76
CA ARG B 179 27.55 -17.93 3.83
C ARG B 179 26.08 -17.78 3.42
N THR B 180 25.39 -16.77 3.98
CA THR B 180 23.98 -16.58 3.65
C THR B 180 23.79 -15.99 2.25
N LEU B 181 24.73 -15.17 1.78
CA LEU B 181 24.57 -14.55 0.48
C LEU B 181 24.64 -15.59 -0.64
N PHE B 182 25.60 -16.50 -0.57
CA PHE B 182 25.72 -17.55 -1.58
C PHE B 182 24.71 -18.67 -1.38
N ASN B 183 23.95 -18.65 -0.29
CA ASN B 183 22.87 -19.62 -0.12
C ASN B 183 21.71 -19.34 -1.06
N MET B 184 21.55 -18.10 -1.53
CA MET B 184 20.49 -17.77 -2.47
C MET B 184 20.76 -18.40 -3.83
N ARG B 185 19.67 -18.68 -4.55
CA ARG B 185 19.78 -19.08 -5.94
C ARG B 185 20.04 -17.85 -6.81
N PRO B 186 20.92 -17.95 -7.82
CA PRO B 186 21.35 -16.73 -8.54
C PRO B 186 20.23 -15.97 -9.22
N ASP B 187 19.25 -16.67 -9.82
CA ASP B 187 18.15 -15.97 -10.48
C ASP B 187 17.30 -15.20 -9.48
N ILE B 188 17.02 -15.82 -8.33
CA ILE B 188 16.26 -15.14 -7.28
C ILE B 188 17.07 -14.00 -6.69
N SER B 189 18.37 -14.21 -6.47
CA SER B 189 19.23 -13.15 -5.95
C SER B 189 19.25 -11.95 -6.88
N LEU B 190 19.29 -12.21 -8.19
CA LEU B 190 19.30 -11.11 -9.16
C LEU B 190 17.97 -10.36 -9.15
N SER B 191 16.86 -11.09 -9.02
CA SER B 191 15.56 -10.44 -8.96
C SER B 191 15.43 -9.56 -7.72
N MET B 192 15.89 -10.05 -6.57
CA MET B 192 15.79 -9.28 -5.35
C MET B 192 16.68 -8.04 -5.41
N ALA B 193 17.86 -8.18 -6.03
CA ALA B 193 18.76 -7.03 -6.15
C ALA B 193 18.14 -5.93 -6.99
N ARG B 194 17.40 -6.30 -8.02
CA ARG B 194 16.72 -5.29 -8.84
C ARG B 194 15.61 -4.60 -8.05
N THR B 195 14.83 -5.37 -7.27
CA THR B 195 13.74 -4.78 -6.51
C THR B 195 14.25 -3.79 -5.47
N ILE B 196 15.31 -4.15 -4.73
CA ILE B 196 15.82 -3.30 -3.67
CA ILE B 196 15.80 -3.29 -3.67
C ILE B 196 16.46 -2.03 -4.23
N ASN B 197 16.94 -2.08 -5.48
CA ASN B 197 17.59 -0.93 -6.08
C ASN B 197 16.67 -0.12 -6.97
N THR B 198 15.38 -0.47 -7.03
CA THR B 198 14.44 0.27 -7.87
C THR B 198 13.18 0.72 -7.14
N TYR B 199 12.95 0.29 -5.91
CA TYR B 199 11.78 0.80 -5.20
C TYR B 199 11.99 2.27 -4.85
N ASP B 200 10.88 2.97 -4.64
CA ASP B 200 10.90 4.40 -4.31
C ASP B 200 9.80 4.64 -3.29
N MET B 201 10.20 4.80 -2.03
CA MET B 201 9.26 5.08 -0.95
C MET B 201 9.09 6.55 -0.66
N ARG B 202 9.81 7.42 -1.38
CA ARG B 202 9.70 8.87 -1.16
C ARG B 202 8.26 9.38 -1.17
N PRO B 203 7.39 9.03 -2.12
CA PRO B 203 6.04 9.61 -2.11
C PRO B 203 5.18 9.19 -0.93
N PHE B 204 5.57 8.15 -0.18
CA PHE B 204 4.73 7.61 0.88
C PHE B 204 5.22 7.89 2.28
N LEU B 205 6.43 8.44 2.43
CA LEU B 205 6.98 8.68 3.77
C LEU B 205 6.07 9.56 4.61
N GLY B 206 5.40 10.54 3.99
CA GLY B 206 4.52 11.44 4.71
C GLY B 206 3.28 10.76 5.26
N HIS B 207 2.95 9.57 4.76
CA HIS B 207 1.81 8.81 5.27
C HIS B 207 2.21 7.75 6.28
N VAL B 208 3.50 7.60 6.57
CA VAL B 208 3.93 6.80 7.71
C VAL B 208 3.66 7.61 8.98
N THR B 209 2.87 7.04 9.89
CA THR B 209 2.48 7.79 11.07
C THR B 209 3.03 7.24 12.37
N VAL B 210 3.44 5.97 12.41
CA VAL B 210 3.93 5.37 13.65
C VAL B 210 5.33 5.90 13.92
N PRO B 211 5.75 5.97 15.19
CA PRO B 211 7.10 6.47 15.50
C PRO B 211 8.18 5.62 14.85
N CYS B 212 9.20 6.29 14.33
CA CYS B 212 10.32 5.64 13.64
C CYS B 212 11.62 6.02 14.32
N HIS B 213 12.45 5.02 14.61
CA HIS B 213 13.80 5.23 15.11
C HIS B 213 14.77 4.93 13.99
N ILE B 214 15.55 5.93 13.59
CA ILE B 214 16.37 5.87 12.38
C ILE B 214 17.82 5.69 12.80
N ILE B 215 18.35 4.47 12.61
CA ILE B 215 19.70 4.11 13.02
C ILE B 215 20.55 3.93 11.77
N TYR B 216 21.69 4.60 11.72
CA TYR B 216 22.50 4.55 10.52
C TYR B 216 23.98 4.42 10.86
N SER B 217 24.70 3.79 9.95
CA SER B 217 26.14 3.65 10.04
C SER B 217 26.79 4.86 9.37
N ARG B 218 27.69 5.53 10.07
CA ARG B 218 28.25 6.78 9.58
C ARG B 218 29.16 6.59 8.36
N GLU B 219 29.49 5.35 7.99
CA GLU B 219 30.27 5.08 6.81
C GLU B 219 29.68 3.88 6.06
N ASP B 220 28.43 4.05 5.62
CA ASP B 220 27.74 3.02 4.85
C ASP B 220 27.99 3.26 3.37
N PRO B 221 28.59 2.31 2.64
CA PRO B 221 28.81 2.51 1.20
C PRO B 221 27.53 2.55 0.39
N ILE B 222 26.40 2.09 0.93
CA ILE B 222 25.15 2.00 0.18
C ILE B 222 24.21 3.12 0.60
N VAL B 223 24.34 3.59 1.82
CA VAL B 223 23.40 4.55 2.39
C VAL B 223 24.12 5.83 2.78
N PRO B 224 23.97 6.90 2.01
CA PRO B 224 24.57 8.18 2.41
C PRO B 224 24.04 8.66 3.75
N VAL B 225 24.90 9.36 4.48
CA VAL B 225 24.57 9.82 5.83
C VAL B 225 23.36 10.75 5.80
N LYS B 226 23.25 11.60 4.78
CA LYS B 226 22.17 12.58 4.75
C LYS B 226 20.79 11.93 4.64
N LEU B 227 20.72 10.67 4.22
CA LEU B 227 19.41 10.05 4.06
C LEU B 227 18.70 9.87 5.39
N ALA B 228 19.45 9.66 6.48
CA ALA B 228 18.82 9.62 7.80
C ALA B 228 18.09 10.91 8.10
N GLU B 229 18.71 12.05 7.78
CA GLU B 229 18.03 13.33 7.95
C GLU B 229 16.86 13.46 6.98
N TYR B 230 17.01 12.96 5.76
CA TYR B 230 15.91 12.99 4.79
C TYR B 230 14.70 12.24 5.33
N LEU B 231 14.91 11.02 5.83
CA LEU B 231 13.82 10.27 6.45
C LEU B 231 13.22 11.04 7.62
N HIS B 232 14.08 11.58 8.50
CA HIS B 232 13.61 12.33 9.65
C HIS B 232 12.70 13.49 9.24
N GLN B 233 13.03 14.17 8.15
CA GLN B 233 12.26 15.34 7.72
C GLN B 233 10.98 14.99 6.99
N ASN B 234 10.85 13.78 6.45
CA ASN B 234 9.74 13.48 5.56
C ASN B 234 8.79 12.41 6.09
N LEU B 235 9.14 11.70 7.15
CA LEU B 235 8.18 10.80 7.77
C LEU B 235 7.06 11.60 8.41
N GLY B 236 5.83 11.08 8.30
CA GLY B 236 4.65 11.82 8.71
C GLY B 236 4.44 11.89 10.21
N GLY B 237 5.01 10.97 10.98
CA GLY B 237 4.87 10.97 12.42
C GLY B 237 6.15 11.42 13.10
N LYS B 238 6.28 11.03 14.37
CA LYS B 238 7.49 11.37 15.11
CA LYS B 238 7.48 11.35 15.14
C LYS B 238 8.63 10.43 14.72
N SER B 239 9.84 10.98 14.72
CA SER B 239 11.03 10.19 14.42
C SER B 239 12.20 10.71 15.24
N ILE B 240 13.21 9.86 15.36
CA ILE B 240 14.47 10.21 16.03
C ILE B 240 15.59 9.53 15.26
N VAL B 241 16.76 10.17 15.26
CA VAL B 241 17.90 9.74 14.48
C VAL B 241 19.09 9.53 15.41
N GLU B 242 19.80 8.43 15.22
CA GLU B 242 21.06 8.21 15.93
C GLU B 242 22.06 7.59 14.97
N GLY B 243 23.24 8.21 14.87
CA GLY B 243 24.32 7.68 14.08
C GLY B 243 25.28 6.88 14.94
N MET B 244 25.97 5.95 14.31
CA MET B 244 26.94 5.11 14.99
C MET B 244 28.28 5.21 14.28
N SER B 245 29.37 5.19 15.05
CA SER B 245 30.72 5.22 14.50
C SER B 245 31.13 3.81 14.06
N THR B 246 30.36 3.26 13.12
CA THR B 246 30.62 1.97 12.52
C THR B 246 30.93 2.14 11.04
N TYR B 247 31.48 1.09 10.44
CA TYR B 247 31.86 1.08 9.04
C TYR B 247 31.17 -0.09 8.35
N GLY B 248 30.45 0.20 7.28
CA GLY B 248 29.79 -0.82 6.51
C GLY B 248 28.27 -0.68 6.55
N HIS B 249 27.62 -1.54 5.77
CA HIS B 249 26.18 -1.52 5.60
C HIS B 249 25.44 -2.43 6.57
N LEU B 250 26.14 -3.35 7.24
CA LEU B 250 25.53 -4.30 8.17
C LEU B 250 26.21 -4.20 9.52
N PRO B 251 25.98 -3.09 10.25
CA PRO B 251 26.64 -2.93 11.55
C PRO B 251 26.16 -3.91 12.60
N HIS B 252 24.94 -4.44 12.48
CA HIS B 252 24.46 -5.42 13.45
C HIS B 252 25.17 -6.76 13.33
N LEU B 253 25.93 -6.99 12.27
CA LEU B 253 26.68 -8.21 12.08
C LEU B 253 28.18 -8.01 12.24
N SER B 254 28.72 -6.95 11.64
CA SER B 254 30.16 -6.72 11.67
C SER B 254 30.62 -6.06 12.96
N ALA B 255 29.75 -5.31 13.63
CA ALA B 255 30.11 -4.60 14.86
C ALA B 255 28.97 -4.67 15.86
N PRO B 256 28.62 -5.87 16.34
CA PRO B 256 27.48 -5.99 17.26
C PRO B 256 27.75 -5.39 18.63
N GLU B 257 29.01 -5.25 19.04
CA GLU B 257 29.28 -4.66 20.35
C GLU B 257 28.86 -3.19 20.39
N VAL B 258 28.93 -2.47 19.27
CA VAL B 258 28.42 -1.10 19.28
C VAL B 258 26.95 -1.04 18.87
N THR B 259 26.54 -1.86 17.90
CA THR B 259 25.22 -1.70 17.30
C THR B 259 24.12 -2.20 18.22
N ILE B 260 24.30 -3.36 18.86
CA ILE B 260 23.23 -3.94 19.67
C ILE B 260 22.84 -3.04 20.84
N PRO B 261 23.76 -2.44 21.60
CA PRO B 261 23.33 -1.48 22.64
C PRO B 261 22.51 -0.33 22.10
N VAL B 262 22.82 0.13 20.88
CA VAL B 262 22.01 1.18 20.25
C VAL B 262 20.61 0.66 19.95
N LEU B 263 20.52 -0.53 19.36
CA LEU B 263 19.21 -1.11 19.04
C LEU B 263 18.38 -1.32 20.30
N LEU B 264 19.01 -1.83 21.36
CA LEU B 264 18.26 -2.09 22.60
C LEU B 264 17.66 -0.80 23.15
N ARG B 265 18.43 0.28 23.09
CA ARG B 265 17.99 1.57 23.62
C ARG B 265 16.77 2.11 22.87
N HIS B 266 16.77 1.99 21.54
CA HIS B 266 15.66 2.49 20.75
C HIS B 266 14.47 1.56 20.75
N ILE B 267 14.69 0.27 21.02
CA ILE B 267 13.59 -0.66 21.18
C ILE B 267 12.83 -0.39 22.48
N ARG B 268 13.58 -0.19 23.57
CA ARG B 268 12.95 -0.12 24.90
C ARG B 268 12.38 1.26 25.20
N GLN B 269 13.03 2.33 24.74
CA GLN B 269 12.63 3.69 25.06
C GLN B 269 11.84 4.29 23.89
N ASP B 270 10.74 4.97 24.22
CA ASP B 270 9.88 5.57 23.22
C ASP B 270 10.21 7.06 23.06
N ILE B 271 9.98 7.57 21.85
CA ILE B 271 10.21 8.98 21.59
C ILE B 271 9.29 9.84 22.45
N VAL B 272 9.82 11.00 22.88
CA VAL B 272 9.11 12.02 23.64
C VAL B 272 8.86 11.54 25.07
#